data_5UJ0
#
_entry.id   5UJ0
#
_cell.length_a   99.790
_cell.length_b   99.790
_cell.length_c   194.150
_cell.angle_alpha   90.00
_cell.angle_beta   90.00
_cell.angle_gamma   90.00
#
_symmetry.space_group_name_H-M   'I 41 2 2'
#
loop_
_entity.id
_entity.type
_entity.pdbx_description
1 polymer 'Polynucleotide kinase'
2 non-polymer 'MAGNESIUM ION'
3 non-polymer GLYCEROL
4 water water
#
_entity_poly.entity_id   1
_entity_poly.type   'polypeptide(L)'
_entity_poly.pdbx_seq_one_letter_code
;SKPKAVIF(BFD)VDGTLAKMNGRGPYDLEKCDTDVINPMVVELSKMYALMGYQIVVVSGRESGTKEDPTKYYRMTRKWV
EDIAGVPLVMQCQREQGDTRKDDVVKEEIFWKHIAPHFDVKLAIDDRTQVVEMWRRIGVECWQVASGDF
;
_entity_poly.pdbx_strand_id   A,B
#
# COMPACT_ATOMS: atom_id res chain seq x y z
N SER A 1 15.19 -12.41 -17.96
CA SER A 1 13.97 -12.57 -17.17
C SER A 1 14.29 -12.95 -15.72
N LYS A 2 14.43 -11.94 -14.87
CA LYS A 2 14.80 -12.12 -13.48
C LYS A 2 13.59 -12.49 -12.62
N PRO A 3 13.82 -13.21 -11.50
CA PRO A 3 12.67 -13.58 -10.67
C PRO A 3 12.01 -12.34 -10.09
N LYS A 4 10.68 -12.35 -9.98
CA LYS A 4 9.93 -11.19 -9.50
C LYS A 4 10.14 -10.97 -8.00
N ALA A 5 10.17 -9.70 -7.59
CA ALA A 5 10.48 -9.36 -6.21
C ALA A 5 9.67 -8.20 -5.66
N VAL A 6 9.55 -8.14 -4.35
CA VAL A 6 8.99 -6.97 -3.70
C VAL A 6 10.01 -6.44 -2.67
N ILE A 7 10.25 -5.13 -2.67
CA ILE A 7 11.07 -4.50 -1.66
C ILE A 7 10.25 -3.97 -0.49
N PHE A 8 10.62 -4.32 0.74
CA PHE A 8 10.01 -3.74 1.95
C PHE A 8 11.00 -2.89 2.74
N VAL A 10 11.88 -1.10 6.52
CA VAL A 10 11.70 -1.55 7.89
C VAL A 10 10.97 -0.52 8.74
N ASP A 11 11.66 0.58 9.06
CA ASP A 11 11.11 1.64 9.91
C ASP A 11 9.89 2.33 9.33
N GLY A 12 8.78 2.25 10.07
CA GLY A 12 7.55 2.91 9.68
C GLY A 12 6.72 2.01 8.79
N THR A 13 7.36 0.99 8.24
CA THR A 13 6.73 0.09 7.30
C THR A 13 6.52 -1.29 7.94
N LEU A 14 7.56 -2.12 7.97
CA LEU A 14 7.47 -3.41 8.65
C LEU A 14 7.35 -3.22 10.15
N ALA A 15 8.05 -2.22 10.67
CA ALA A 15 8.10 -1.96 12.11
C ALA A 15 7.45 -0.64 12.44
N LYS A 16 6.74 -0.56 13.57
CA LYS A 16 6.09 0.69 13.96
C LYS A 16 7.05 1.72 14.56
N MET A 17 6.57 2.96 14.60
CA MET A 17 7.25 4.09 15.25
C MET A 17 6.33 4.75 16.29
N GLY A 19 8.05 4.98 19.69
CA GLY A 19 8.38 4.30 20.93
C GLY A 19 9.81 4.53 21.42
N ARG A 20 10.69 4.91 20.51
CA ARG A 20 12.09 5.22 20.84
C ARG A 20 12.59 6.37 19.96
N GLY A 21 13.88 6.66 20.03
CA GLY A 21 14.48 7.66 19.15
C GLY A 21 14.78 7.04 17.80
N PRO A 22 14.48 7.76 16.72
CA PRO A 22 14.59 7.23 15.35
C PRO A 22 16.02 6.82 14.96
N TYR A 23 17.02 7.50 15.52
CA TYR A 23 18.42 7.15 15.23
C TYR A 23 19.03 6.38 16.40
N ASP A 24 18.22 6.09 17.41
CA ASP A 24 18.64 5.30 18.56
C ASP A 24 18.44 3.80 18.27
N LEU A 25 19.30 3.29 17.38
CA LEU A 25 19.18 1.92 16.91
C LEU A 25 19.51 0.86 17.96
N GLU A 26 20.11 1.29 19.06
CA GLU A 26 20.49 0.38 20.15
C GLU A 26 19.27 -0.28 20.77
N LYS A 27 18.12 0.38 20.65
CA LYS A 27 16.90 -0.13 21.26
C LYS A 27 15.96 -0.70 20.19
N CYS A 28 16.47 -0.89 18.98
CA CYS A 28 15.60 -1.28 17.87
C CYS A 28 15.16 -2.75 17.90
N ASP A 29 15.77 -3.55 18.78
CA ASP A 29 15.39 -4.95 18.91
C ASP A 29 14.00 -5.13 19.52
N THR A 30 13.49 -4.07 20.14
CA THR A 30 12.20 -4.10 20.81
C THR A 30 11.05 -3.44 20.03
N ASP A 31 11.30 -3.15 18.75
CA ASP A 31 10.29 -2.54 17.88
C ASP A 31 9.06 -3.43 17.71
N VAL A 32 7.94 -2.81 17.40
CA VAL A 32 6.67 -3.50 17.33
C VAL A 32 6.27 -3.71 15.87
N ILE A 33 5.75 -4.89 15.55
CA ILE A 33 5.41 -5.19 14.17
C ILE A 33 4.23 -4.32 13.71
N ASN A 34 4.24 -4.02 12.42
CA ASN A 34 3.15 -3.37 11.72
C ASN A 34 2.37 -4.45 10.96
N PRO A 35 1.26 -4.94 11.55
CA PRO A 35 0.61 -6.22 11.22
C PRO A 35 0.22 -6.43 9.75
N MET A 36 -0.45 -5.46 9.16
CA MET A 36 -0.90 -5.63 7.78
C MET A 36 0.28 -5.64 6.82
N VAL A 37 1.32 -4.90 7.15
CA VAL A 37 2.44 -4.85 6.22
C VAL A 37 3.27 -6.13 6.30
N VAL A 38 3.45 -6.62 7.52
CA VAL A 38 4.14 -7.88 7.74
C VAL A 38 3.36 -9.05 7.12
N GLU A 39 2.03 -9.04 7.26
CA GLU A 39 1.21 -10.07 6.61
C GLU A 39 1.36 -10.02 5.10
N LEU A 40 1.48 -8.81 4.58
CA LEU A 40 1.69 -8.60 3.16
C LEU A 40 2.96 -9.29 2.67
N SER A 41 4.03 -9.22 3.45
CA SER A 41 5.29 -9.80 3.00
C SER A 41 5.18 -11.31 2.95
N LYS A 42 4.46 -11.88 3.88
CA LYS A 42 4.29 -13.34 3.92
C LYS A 42 3.42 -13.80 2.76
N MET A 43 2.43 -12.99 2.46
CA MET A 43 1.52 -13.24 1.36
C MET A 43 2.28 -13.27 0.04
N TYR A 44 3.09 -12.25 -0.19
CA TYR A 44 3.85 -12.19 -1.44
C TYR A 44 4.82 -13.35 -1.59
N ALA A 45 5.39 -13.80 -0.48
CA ALA A 45 6.36 -14.88 -0.52
C ALA A 45 5.72 -16.19 -0.92
N LEU A 46 4.54 -16.45 -0.39
CA LEU A 46 3.80 -17.66 -0.74
C LEU A 46 3.37 -17.66 -2.21
N MET A 47 3.12 -16.47 -2.74
CA MET A 47 2.79 -16.29 -4.15
C MET A 47 4.00 -16.36 -5.07
N GLY A 48 5.20 -16.51 -4.51
CA GLY A 48 6.36 -16.73 -5.36
C GLY A 48 7.17 -15.48 -5.69
N TYR A 49 6.82 -14.36 -5.05
CA TYR A 49 7.68 -13.19 -5.10
C TYR A 49 8.84 -13.37 -4.12
N GLN A 50 10.03 -12.90 -4.49
CA GLN A 50 11.16 -12.90 -3.58
C GLN A 50 11.11 -11.63 -2.78
N ILE A 51 11.21 -11.74 -1.47
CA ILE A 51 11.12 -10.57 -0.59
C ILE A 51 12.52 -10.01 -0.30
N VAL A 52 12.69 -8.71 -0.55
CA VAL A 52 13.96 -8.06 -0.35
C VAL A 52 13.76 -6.92 0.66
N VAL A 53 14.57 -6.90 1.71
CA VAL A 53 14.37 -5.87 2.73
C VAL A 53 15.43 -4.79 2.57
N VAL A 54 15.01 -3.54 2.59
CA VAL A 54 15.94 -2.44 2.40
C VAL A 54 15.70 -1.40 3.47
N SER A 55 16.75 -0.99 4.19
CA SER A 55 16.57 0.02 5.23
C SER A 55 17.63 1.11 5.21
N GLY A 56 17.23 2.32 5.58
CA GLY A 56 18.16 3.42 5.69
C GLY A 56 18.87 3.45 7.03
N ARG A 57 18.52 2.52 7.92
CA ARG A 57 19.23 2.36 9.18
C ARG A 57 20.72 2.16 8.94
N GLU A 58 21.54 2.93 9.65
CA GLU A 58 22.99 2.76 9.54
C GLU A 58 23.34 1.35 10.01
N SER A 59 24.22 0.68 9.29
CA SER A 59 24.49 -0.74 9.56
C SER A 59 25.13 -0.98 10.93
N GLY A 60 25.85 0.00 11.44
CA GLY A 60 26.50 -0.11 12.74
C GLY A 60 27.22 1.13 13.22
N THR A 61 28.11 0.95 14.19
CA THR A 61 28.99 1.99 14.68
C THR A 61 30.39 1.80 14.11
N LYS A 62 31.28 2.76 14.33
CA LYS A 62 32.65 2.64 13.85
C LYS A 62 33.35 1.42 14.44
N GLU A 63 33.16 1.18 15.74
CA GLU A 63 33.78 0.04 16.42
C GLU A 63 33.10 -1.31 16.10
N ASP A 64 31.86 -1.24 15.62
CA ASP A 64 31.10 -2.45 15.27
C ASP A 64 30.21 -2.15 14.06
N PRO A 65 30.79 -2.24 12.86
CA PRO A 65 30.23 -1.78 11.57
C PRO A 65 28.95 -2.48 11.12
N THR A 66 28.65 -3.66 11.65
CA THR A 66 27.42 -4.33 11.24
C THR A 66 26.50 -4.57 12.40
N LYS A 67 26.77 -3.89 13.51
CA LYS A 67 26.01 -4.12 14.72
C LYS A 67 24.50 -4.00 14.48
N TYR A 68 24.09 -2.97 13.75
CA TYR A 68 22.66 -2.66 13.66
C TYR A 68 22.03 -3.45 12.56
N TYR A 69 22.82 -3.79 11.53
CA TYR A 69 22.41 -4.72 10.49
C TYR A 69 21.99 -6.04 11.12
N ARG A 70 22.81 -6.55 12.05
CA ARG A 70 22.54 -7.85 12.67
C ARG A 70 21.31 -7.79 13.58
N MET A 71 21.13 -6.68 14.29
CA MET A 71 19.94 -6.47 15.12
C MET A 71 18.67 -6.42 14.26
N THR A 72 18.72 -5.58 13.23
CA THR A 72 17.63 -5.49 12.27
C THR A 72 17.26 -6.86 11.74
N ARG A 73 18.25 -7.58 11.19
CA ARG A 73 18.04 -8.94 10.70
C ARG A 73 17.38 -9.86 11.71
N LYS A 74 17.84 -9.82 12.95
CA LYS A 74 17.22 -10.67 13.95
C LYS A 74 15.76 -10.27 14.19
N TRP A 75 15.49 -8.97 14.19
CA TRP A 75 14.13 -8.51 14.43
C TRP A 75 13.20 -8.95 13.27
N VAL A 76 13.63 -8.67 12.05
CA VAL A 76 12.88 -9.05 10.87
C VAL A 76 12.62 -10.54 10.79
N GLU A 77 13.65 -11.33 11.05
CA GLU A 77 13.51 -12.78 10.98
C GLU A 77 12.77 -13.38 12.19
N ASP A 78 13.12 -12.97 13.40
CA ASP A 78 12.60 -13.69 14.56
C ASP A 78 11.37 -13.08 15.21
N ILE A 79 11.20 -11.76 15.10
CA ILE A 79 10.03 -11.10 15.66
C ILE A 79 8.92 -10.96 14.59
N ALA A 80 9.27 -10.39 13.44
CA ALA A 80 8.27 -10.21 12.40
C ALA A 80 8.05 -11.52 11.63
N GLY A 81 9.09 -12.31 11.44
CA GLY A 81 8.96 -13.54 10.69
C GLY A 81 8.83 -13.30 9.19
N VAL A 82 9.51 -12.28 8.70
CA VAL A 82 9.51 -11.98 7.29
C VAL A 82 10.45 -12.94 6.56
N PRO A 83 9.93 -13.67 5.56
CA PRO A 83 10.72 -14.68 4.85
C PRO A 83 11.54 -14.07 3.73
N LEU A 84 12.45 -13.16 4.09
CA LEU A 84 13.23 -12.45 3.09
C LEU A 84 14.31 -13.33 2.48
N VAL A 85 14.82 -12.94 1.31
CA VAL A 85 15.94 -13.63 0.70
C VAL A 85 17.16 -12.72 0.62
N MET A 86 17.01 -11.47 1.02
CA MET A 86 18.09 -10.49 0.90
C MET A 86 17.78 -9.27 1.75
N GLN A 87 18.82 -8.75 2.41
CA GLN A 87 18.68 -7.57 3.28
C GLN A 87 19.78 -6.57 2.94
N CYS A 88 19.43 -5.30 2.80
CA CYS A 88 20.40 -4.26 2.42
C CYS A 88 20.23 -3.01 3.28
N GLN A 89 21.33 -2.50 3.82
CA GLN A 89 21.25 -1.28 4.61
C GLN A 89 22.30 -0.28 4.20
N ARG A 90 22.04 0.96 4.59
CA ARG A 90 23.01 2.03 4.59
C ARG A 90 24.27 1.59 5.37
N GLU A 91 25.43 1.64 4.72
CA GLU A 91 26.69 1.30 5.38
C GLU A 91 27.03 2.29 6.47
N GLN A 92 27.74 1.83 7.48
CA GLN A 92 28.27 2.71 8.52
C GLN A 92 29.04 3.87 7.87
N GLY A 93 28.86 5.08 8.37
CA GLY A 93 29.56 6.23 7.83
C GLY A 93 28.92 6.90 6.62
N ASP A 94 27.85 6.33 6.08
CA ASP A 94 27.15 6.94 4.95
C ASP A 94 26.17 7.97 5.48
N THR A 95 26.25 9.21 4.99
CA THR A 95 25.43 10.29 5.54
C THR A 95 24.48 10.92 4.52
N ARG A 96 24.51 10.43 3.30
CA ARG A 96 23.57 10.87 2.26
C ARG A 96 22.09 10.64 2.64
N LYS A 97 21.18 11.17 1.82
CA LYS A 97 19.75 11.04 2.10
C LYS A 97 19.28 9.63 1.77
N ASP A 98 18.25 9.19 2.49
CA ASP A 98 17.67 7.86 2.30
C ASP A 98 17.42 7.54 0.83
N ASP A 99 16.77 8.47 0.11
CA ASP A 99 16.39 8.17 -1.28
C ASP A 99 17.63 7.99 -2.13
N VAL A 100 18.69 8.73 -1.84
CA VAL A 100 19.94 8.57 -2.56
C VAL A 100 20.55 7.20 -2.27
N VAL A 101 20.68 6.88 -0.99
CA VAL A 101 21.24 5.58 -0.59
C VAL A 101 20.42 4.41 -1.12
N LYS A 102 19.12 4.45 -0.86
CA LYS A 102 18.24 3.36 -1.31
C LYS A 102 18.28 3.22 -2.82
N GLU A 103 18.41 4.33 -3.55
CA GLU A 103 18.48 4.17 -5.00
C GLU A 103 19.78 3.47 -5.40
N GLU A 104 20.88 3.85 -4.76
CA GLU A 104 22.17 3.23 -5.02
C GLU A 104 22.13 1.74 -4.72
N ILE A 105 21.64 1.41 -3.53
CA ILE A 105 21.46 0.01 -3.16
C ILE A 105 20.68 -0.75 -4.22
N PHE A 106 19.66 -0.08 -4.75
CA PHE A 106 18.82 -0.71 -5.76
C PHE A 106 19.61 -1.01 -7.04
N TRP A 107 20.30 -0.02 -7.59
CA TRP A 107 20.95 -0.25 -8.88
C TRP A 107 22.14 -1.20 -8.75
N LYS A 108 22.87 -1.09 -7.63
CA LYS A 108 24.08 -1.91 -7.41
C LYS A 108 23.81 -3.34 -6.97
N HIS A 109 22.81 -3.56 -6.11
CA HIS A 109 22.69 -4.88 -5.48
C HIS A 109 21.43 -5.66 -5.80
N ILE A 110 20.35 -4.97 -6.16
CA ILE A 110 19.05 -5.61 -6.36
C ILE A 110 18.66 -5.77 -7.82
N ALA A 111 18.59 -4.65 -8.52
CA ALA A 111 18.20 -4.66 -9.95
C ALA A 111 18.91 -5.70 -10.82
N PRO A 112 20.23 -5.94 -10.60
CA PRO A 112 20.84 -6.97 -11.45
C PRO A 112 20.31 -8.39 -11.22
N HIS A 113 19.64 -8.63 -10.09
CA HIS A 113 19.26 -9.99 -9.79
C HIS A 113 17.76 -10.23 -9.77
N PHE A 114 17.00 -9.18 -9.50
CA PHE A 114 15.56 -9.31 -9.36
C PHE A 114 14.77 -8.41 -10.30
N ASP A 115 13.56 -8.83 -10.62
CA ASP A 115 12.61 -7.96 -11.33
C ASP A 115 11.65 -7.38 -10.28
N VAL A 116 11.98 -6.18 -9.79
CA VAL A 116 11.22 -5.60 -8.70
C VAL A 116 9.89 -5.02 -9.20
N LYS A 117 8.79 -5.62 -8.77
CA LYS A 117 7.48 -5.20 -9.22
C LYS A 117 6.84 -4.14 -8.35
N LEU A 118 7.33 -3.98 -7.13
CA LEU A 118 6.65 -3.13 -6.15
C LEU A 118 7.56 -2.85 -4.95
N ALA A 119 7.48 -1.64 -4.39
CA ALA A 119 8.20 -1.31 -3.18
C ALA A 119 7.21 -0.79 -2.15
N ILE A 120 7.50 -1.04 -0.88
CA ILE A 120 6.63 -0.65 0.20
C ILE A 120 7.44 0.26 1.11
N ASP A 121 6.91 1.42 1.47
CA ASP A 121 7.69 2.39 2.24
C ASP A 121 6.79 3.39 2.92
N ASP A 122 7.35 4.18 3.83
CA ASP A 122 6.54 5.14 4.56
C ASP A 122 6.98 6.60 4.33
N ARG A 123 8.17 6.81 3.77
CA ARG A 123 8.73 8.17 3.65
C ARG A 123 8.57 8.73 2.25
N THR A 124 8.02 9.94 2.17
CA THR A 124 7.61 10.50 0.88
C THR A 124 8.77 10.60 -0.11
N GLN A 125 9.91 11.08 0.37
CA GLN A 125 11.11 11.24 -0.45
C GLN A 125 11.55 9.90 -1.05
N VAL A 126 11.45 8.83 -0.27
CA VAL A 126 11.81 7.51 -0.77
C VAL A 126 10.77 6.99 -1.73
N VAL A 127 9.51 7.28 -1.41
CA VAL A 127 8.38 6.84 -2.24
C VAL A 127 8.46 7.44 -3.64
N GLU A 128 8.76 8.73 -3.69
CA GLU A 128 8.85 9.45 -4.96
C GLU A 128 10.02 8.96 -5.82
N MET A 129 11.09 8.55 -5.15
CA MET A 129 12.26 7.99 -5.81
C MET A 129 11.91 6.69 -6.51
N TRP A 130 11.28 5.75 -5.80
CA TRP A 130 10.85 4.50 -6.43
C TRP A 130 9.95 4.77 -7.63
N ARG A 131 9.00 5.69 -7.45
CA ARG A 131 8.06 5.97 -8.53
C ARG A 131 8.83 6.56 -9.71
N ARG A 132 9.67 7.56 -9.42
CA ARG A 132 10.49 8.20 -10.43
C ARG A 132 11.33 7.24 -11.29
N ILE A 133 11.91 6.19 -10.69
CA ILE A 133 12.72 5.26 -11.50
C ILE A 133 11.89 4.09 -12.03
N GLY A 134 10.57 4.22 -11.96
CA GLY A 134 9.68 3.28 -12.62
C GLY A 134 9.35 2.03 -11.81
N VAL A 135 9.29 2.20 -10.49
CA VAL A 135 8.91 1.12 -9.61
C VAL A 135 7.66 1.53 -8.86
N GLU A 136 6.59 0.74 -8.98
CA GLU A 136 5.35 1.02 -8.26
C GLU A 136 5.68 1.02 -6.78
N CYS A 137 5.10 1.95 -6.04
CA CYS A 137 5.36 2.01 -4.62
C CYS A 137 4.11 2.39 -3.87
N TRP A 138 3.87 1.67 -2.78
CA TRP A 138 2.73 1.96 -1.95
C TRP A 138 3.25 2.58 -0.70
N GLN A 139 2.73 3.76 -0.38
CA GLN A 139 3.11 4.43 0.85
C GLN A 139 2.15 4.04 1.95
N VAL A 140 2.67 3.42 3.01
CA VAL A 140 1.80 2.78 3.99
C VAL A 140 1.55 3.64 5.21
N ALA A 141 2.16 4.82 5.26
CA ALA A 141 1.93 5.75 6.35
C ALA A 141 2.33 7.14 5.89
N SER A 142 1.98 8.15 6.66
CA SER A 142 2.32 9.53 6.30
C SER A 142 3.84 9.73 6.24
N GLY A 143 4.55 9.29 7.27
CA GLY A 143 6.01 9.35 7.26
C GLY A 143 6.62 10.41 8.17
N ASP A 144 5.75 11.15 8.86
CA ASP A 144 6.18 12.21 9.77
C ASP A 144 6.77 11.66 11.06
N SER B 1 -17.94 -8.58 17.34
CA SER B 1 -16.96 -9.32 16.55
C SER B 1 -17.35 -9.32 15.06
N LYS B 2 -16.95 -8.26 14.37
CA LYS B 2 -17.33 -8.06 12.97
C LYS B 2 -16.34 -8.68 12.02
N PRO B 3 -16.79 -9.04 10.81
CA PRO B 3 -15.83 -9.58 9.85
C PRO B 3 -14.78 -8.56 9.38
N LYS B 4 -13.53 -8.99 9.29
CA LYS B 4 -12.46 -8.15 8.82
C LYS B 4 -12.64 -7.76 7.34
N ALA B 5 -12.40 -6.50 7.01
CA ALA B 5 -12.59 -5.99 5.65
C ALA B 5 -11.45 -5.12 5.15
N VAL B 6 -11.29 -5.06 3.84
CA VAL B 6 -10.38 -4.09 3.22
C VAL B 6 -11.14 -3.23 2.22
N ILE B 7 -11.02 -1.91 2.34
CA ILE B 7 -11.65 -0.98 1.41
C ILE B 7 -10.74 -0.68 0.24
N PHE B 8 -11.25 -0.83 -0.99
CA PHE B 8 -10.54 -0.44 -2.21
C PHE B 8 -11.23 0.73 -2.91
N VAL B 10 -11.61 2.95 -6.50
CA VAL B 10 -11.64 2.48 -7.88
C VAL B 10 -10.70 3.28 -8.80
N ASP B 11 -10.96 4.57 -8.95
CA ASP B 11 -10.20 5.38 -9.93
C ASP B 11 -8.79 5.61 -9.44
N GLY B 12 -7.81 5.18 -10.23
CA GLY B 12 -6.41 5.37 -9.89
C GLY B 12 -5.87 4.28 -8.99
N THR B 13 -6.78 3.44 -8.47
CA THR B 13 -6.43 2.40 -7.53
C THR B 13 -6.63 1.05 -8.19
N LEU B 14 -7.85 0.55 -8.20
CA LEU B 14 -8.17 -0.67 -8.92
C LEU B 14 -8.03 -0.48 -10.43
N ALA B 15 -8.33 0.74 -10.89
CA ALA B 15 -8.29 1.03 -12.32
C ALA B 15 -7.29 2.12 -12.64
N LYS B 16 -6.49 1.92 -13.68
CA LYS B 16 -5.54 2.93 -14.11
C LYS B 16 -6.26 4.14 -14.71
N MET B 17 -5.65 5.31 -14.52
CA MET B 17 -6.17 6.58 -15.03
C MET B 17 -5.38 7.07 -16.25
N GLY B 19 -6.39 7.96 -21.03
CA GLY B 19 -7.14 7.76 -22.25
C GLY B 19 -8.62 8.07 -22.09
N ARG B 20 -8.96 8.68 -20.95
CA ARG B 20 -10.33 9.03 -20.61
C ARG B 20 -10.29 10.14 -19.55
N GLY B 21 -11.35 10.94 -19.45
CA GLY B 21 -11.41 11.99 -18.46
C GLY B 21 -12.29 11.63 -17.27
N PRO B 22 -11.98 12.20 -16.10
CA PRO B 22 -12.86 12.01 -14.95
C PRO B 22 -14.23 12.63 -15.20
N TYR B 23 -15.27 12.06 -14.60
CA TYR B 23 -16.66 12.52 -14.80
C TYR B 23 -17.14 12.26 -16.23
N ASP B 24 -16.37 11.50 -17.00
CA ASP B 24 -16.82 10.99 -18.30
C ASP B 24 -17.15 9.51 -18.15
N LEU B 25 -18.05 9.21 -17.21
CA LEU B 25 -18.27 7.87 -16.71
C LEU B 25 -19.02 6.89 -17.63
N GLU B 26 -19.12 7.17 -18.92
CA GLU B 26 -19.76 6.21 -19.81
C GLU B 26 -18.77 5.67 -20.81
N LYS B 27 -17.56 6.26 -20.80
CA LYS B 27 -16.41 5.65 -21.44
C LYS B 27 -15.69 4.82 -20.37
N CYS B 28 -16.28 4.86 -19.17
CA CYS B 28 -15.83 4.15 -17.98
C CYS B 28 -15.77 2.61 -18.03
N ASP B 29 -16.61 2.01 -18.86
CA ASP B 29 -16.64 0.56 -18.99
C ASP B 29 -15.37 -0.02 -19.62
N THR B 30 -14.53 0.83 -20.19
CA THR B 30 -13.36 0.36 -20.93
C THR B 30 -12.04 0.63 -20.20
N ASP B 31 -12.11 0.79 -18.89
CA ASP B 31 -10.91 1.01 -18.07
C ASP B 31 -10.03 -0.24 -17.96
N VAL B 32 -8.72 -0.01 -17.85
CA VAL B 32 -7.74 -1.08 -17.80
C VAL B 32 -7.33 -1.33 -16.33
N ILE B 33 -7.05 -2.58 -15.98
CA ILE B 33 -6.73 -2.94 -14.59
C ILE B 33 -5.37 -2.40 -14.16
N ASN B 34 -5.31 -1.97 -12.90
CA ASN B 34 -4.04 -1.71 -12.20
C ASN B 34 -3.61 -3.01 -11.49
N PRO B 35 -2.71 -3.78 -12.12
CA PRO B 35 -2.58 -5.21 -11.84
C PRO B 35 -2.14 -5.57 -10.41
N MET B 36 -1.14 -4.89 -9.86
CA MET B 36 -0.65 -5.24 -8.53
C MET B 36 -1.77 -5.05 -7.54
N VAL B 37 -2.45 -3.92 -7.65
CA VAL B 37 -3.60 -3.65 -6.78
C VAL B 37 -4.77 -4.64 -6.97
N VAL B 38 -5.08 -4.99 -8.22
CA VAL B 38 -6.20 -5.88 -8.45
C VAL B 38 -5.86 -7.27 -7.91
N GLU B 39 -4.61 -7.68 -8.10
CA GLU B 39 -4.14 -8.96 -7.56
C GLU B 39 -4.23 -8.95 -6.02
N LEU B 40 -3.92 -7.80 -5.43
CA LEU B 40 -4.04 -7.65 -3.99
C LEU B 40 -5.46 -7.94 -3.53
N SER B 41 -6.44 -7.40 -4.26
CA SER B 41 -7.83 -7.54 -3.83
C SER B 41 -8.25 -9.00 -3.91
N LYS B 42 -7.72 -9.72 -4.90
CA LYS B 42 -8.02 -11.16 -5.01
C LYS B 42 -7.39 -11.93 -3.88
N MET B 43 -6.14 -11.60 -3.55
CA MET B 43 -5.45 -12.23 -2.43
C MET B 43 -6.18 -12.04 -1.11
N TYR B 44 -6.57 -10.80 -0.82
CA TYR B 44 -7.28 -10.51 0.40
C TYR B 44 -8.60 -11.29 0.45
N ALA B 45 -9.31 -11.33 -0.67
CA ALA B 45 -10.58 -12.04 -0.73
C ALA B 45 -10.34 -13.51 -0.42
N LEU B 46 -9.31 -14.08 -1.04
CA LEU B 46 -8.94 -15.46 -0.77
C LEU B 46 -8.52 -15.68 0.70
N MET B 47 -7.90 -14.68 1.32
CA MET B 47 -7.49 -14.84 2.71
C MET B 47 -8.66 -14.58 3.67
N GLY B 48 -9.86 -14.44 3.14
CA GLY B 48 -11.02 -14.32 4.00
C GLY B 48 -11.40 -12.91 4.42
N TYR B 49 -10.77 -11.90 3.81
CA TYR B 49 -11.19 -10.52 4.05
C TYR B 49 -12.43 -10.21 3.21
N GLN B 50 -13.34 -9.42 3.74
CA GLN B 50 -14.46 -8.91 2.92
C GLN B 50 -13.95 -7.74 2.10
N ILE B 51 -14.15 -7.79 0.78
CA ILE B 51 -13.68 -6.70 -0.07
C ILE B 51 -14.77 -5.68 -0.26
N VAL B 52 -14.51 -4.46 0.19
CA VAL B 52 -15.48 -3.39 0.07
C VAL B 52 -14.97 -2.35 -0.92
N VAL B 53 -15.70 -2.19 -2.03
CA VAL B 53 -15.30 -1.19 -3.01
C VAL B 53 -16.04 0.13 -2.73
N VAL B 54 -15.28 1.21 -2.64
CA VAL B 54 -15.84 2.54 -2.38
C VAL B 54 -15.31 3.50 -3.43
N SER B 55 -16.18 4.37 -3.97
CA SER B 55 -15.74 5.26 -5.04
C SER B 55 -16.46 6.60 -5.08
N GLY B 56 -15.71 7.64 -5.43
CA GLY B 56 -16.23 8.99 -5.53
C GLY B 56 -17.05 9.25 -6.79
N ARG B 57 -17.02 8.32 -7.73
CA ARG B 57 -17.85 8.39 -8.93
C ARG B 57 -19.32 8.56 -8.56
N GLU B 58 -19.96 9.58 -9.12
CA GLU B 58 -21.39 9.74 -8.97
C GLU B 58 -22.11 8.48 -9.48
N SER B 59 -23.13 8.05 -8.74
CA SER B 59 -23.78 6.77 -8.97
C SER B 59 -24.60 6.70 -10.26
N GLY B 60 -24.96 7.85 -10.81
CA GLY B 60 -25.75 7.85 -12.01
C GLY B 60 -26.20 9.23 -12.46
N THR B 61 -27.17 9.25 -13.36
CA THR B 61 -27.71 10.50 -13.87
C THR B 61 -29.01 10.88 -13.17
N LYS B 62 -29.40 12.12 -13.38
CA LYS B 62 -30.67 12.67 -12.90
C LYS B 62 -31.81 11.74 -13.35
N GLU B 63 -31.77 11.31 -14.61
CA GLU B 63 -32.74 10.37 -15.17
C GLU B 63 -32.66 8.96 -14.58
N ASP B 64 -31.42 8.49 -14.34
CA ASP B 64 -31.16 7.13 -13.88
C ASP B 64 -30.12 7.13 -12.76
N PRO B 65 -30.57 7.16 -11.49
CA PRO B 65 -29.69 7.42 -10.35
C PRO B 65 -28.62 6.34 -10.06
N THR B 66 -28.67 5.20 -10.74
CA THR B 66 -27.66 4.17 -10.51
C THR B 66 -27.02 3.66 -11.79
N LYS B 67 -27.03 4.47 -12.85
CA LYS B 67 -26.47 4.06 -14.13
C LYS B 67 -24.96 3.83 -14.03
N TYR B 68 -24.26 4.75 -13.36
CA TYR B 68 -22.81 4.67 -13.26
C TYR B 68 -22.34 3.64 -12.24
N TYR B 69 -23.05 3.56 -11.12
CA TYR B 69 -22.87 2.50 -10.14
C TYR B 69 -22.85 1.13 -10.82
N ARG B 70 -23.83 0.86 -11.68
CA ARG B 70 -23.96 -0.44 -12.34
C ARG B 70 -22.83 -0.69 -13.35
N MET B 71 -22.38 0.37 -14.02
CA MET B 71 -21.24 0.27 -14.91
C MET B 71 -19.96 -0.05 -14.15
N THR B 72 -19.80 0.60 -13.00
CA THR B 72 -18.63 0.41 -12.18
C THR B 72 -18.64 -1.01 -11.63
N ARG B 73 -19.79 -1.43 -11.11
CA ARG B 73 -19.96 -2.78 -10.60
C ARG B 73 -19.58 -3.83 -11.62
N LYS B 74 -19.96 -3.62 -12.87
CA LYS B 74 -19.73 -4.62 -13.88
C LYS B 74 -18.25 -4.70 -14.23
N TRP B 75 -17.60 -3.55 -14.34
CA TRP B 75 -16.17 -3.53 -14.59
C TRP B 75 -15.39 -4.22 -13.45
N VAL B 76 -15.72 -3.87 -12.21
CA VAL B 76 -15.04 -4.45 -11.06
C VAL B 76 -15.23 -5.96 -11.03
N GLU B 77 -16.46 -6.42 -11.27
CA GLU B 77 -16.77 -7.84 -11.19
C GLU B 77 -16.34 -8.62 -12.43
N ASP B 78 -16.54 -8.05 -13.61
CA ASP B 78 -16.33 -8.81 -14.86
C ASP B 78 -14.96 -8.58 -15.46
N ILE B 79 -14.49 -7.35 -15.46
CA ILE B 79 -13.18 -7.07 -16.03
C ILE B 79 -12.05 -7.21 -14.98
N ALA B 80 -12.16 -6.51 -13.85
CA ALA B 80 -11.14 -6.62 -12.81
C ALA B 80 -11.14 -8.01 -12.18
N GLY B 81 -12.31 -8.57 -11.94
CA GLY B 81 -12.41 -9.92 -11.39
C GLY B 81 -12.37 -9.92 -9.87
N VAL B 82 -12.66 -8.76 -9.29
CA VAL B 82 -12.64 -8.58 -7.85
C VAL B 82 -13.92 -9.15 -7.22
N PRO B 83 -13.78 -10.12 -6.29
CA PRO B 83 -14.94 -10.68 -5.60
C PRO B 83 -15.33 -9.81 -4.43
N LEU B 84 -16.12 -8.79 -4.68
CA LEU B 84 -16.45 -7.82 -3.65
C LEU B 84 -17.72 -8.23 -2.93
N VAL B 85 -17.98 -7.65 -1.77
CA VAL B 85 -19.12 -8.02 -0.97
C VAL B 85 -20.06 -6.83 -0.86
N MET B 86 -19.54 -5.64 -1.08
CA MET B 86 -20.33 -4.43 -0.96
C MET B 86 -19.71 -3.33 -1.80
N GLN B 87 -20.56 -2.51 -2.39
CA GLN B 87 -20.12 -1.42 -3.25
C GLN B 87 -20.84 -0.14 -2.85
N CYS B 88 -20.07 0.92 -2.61
CA CYS B 88 -20.64 2.20 -2.18
C CYS B 88 -20.11 3.35 -3.02
N GLN B 89 -21.00 4.16 -3.58
CA GLN B 89 -20.56 5.34 -4.31
C GLN B 89 -21.27 6.60 -3.90
N ARG B 90 -20.72 7.72 -4.39
CA ARG B 90 -21.34 9.03 -4.29
C ARG B 90 -22.75 8.95 -4.86
N GLU B 91 -23.74 9.40 -4.08
CA GLU B 91 -25.13 9.38 -4.55
C GLU B 91 -25.34 10.42 -5.67
N GLN B 92 -26.30 10.16 -6.55
CA GLN B 92 -26.62 11.10 -7.63
C GLN B 92 -26.88 12.50 -7.06
N GLY B 93 -26.22 13.49 -7.65
CA GLY B 93 -26.40 14.87 -7.23
C GLY B 93 -25.77 15.27 -5.90
N ASP B 94 -24.85 14.47 -5.38
CA ASP B 94 -24.02 14.86 -4.23
C ASP B 94 -22.79 15.55 -4.80
N THR B 95 -22.52 16.76 -4.34
CA THR B 95 -21.44 17.55 -4.93
C THR B 95 -20.32 17.85 -3.94
N ARG B 96 -20.44 17.31 -2.73
CA ARG B 96 -19.40 17.52 -1.72
C ARG B 96 -18.10 16.84 -2.13
N LYS B 97 -17.04 17.13 -1.40
CA LYS B 97 -15.73 16.57 -1.73
C LYS B 97 -15.66 15.06 -1.48
N ASP B 98 -14.89 14.36 -2.32
CA ASP B 98 -14.55 12.95 -2.12
C ASP B 98 -14.39 12.53 -0.65
N ASP B 99 -13.56 13.24 0.10
CA ASP B 99 -13.22 12.79 1.43
C ASP B 99 -14.38 12.98 2.40
N VAL B 100 -15.27 13.92 2.13
CA VAL B 100 -16.47 14.09 2.97
C VAL B 100 -17.47 12.98 2.65
N VAL B 101 -17.58 12.67 1.36
CA VAL B 101 -18.48 11.64 0.89
C VAL B 101 -18.02 10.26 1.36
N LYS B 102 -16.75 9.97 1.15
CA LYS B 102 -16.25 8.67 1.54
C LYS B 102 -16.31 8.50 3.06
N GLU B 103 -16.13 9.58 3.82
CA GLU B 103 -16.22 9.43 5.27
C GLU B 103 -17.62 9.14 5.71
N GLU B 104 -18.60 9.79 5.08
CA GLU B 104 -19.98 9.55 5.45
C GLU B 104 -20.39 8.14 5.07
N ILE B 105 -19.96 7.71 3.88
CA ILE B 105 -20.18 6.33 3.49
C ILE B 105 -19.63 5.35 4.55
N PHE B 106 -18.41 5.59 5.02
CA PHE B 106 -17.78 4.74 6.03
C PHE B 106 -18.62 4.63 7.30
N TRP B 107 -19.04 5.75 7.89
CA TRP B 107 -19.76 5.67 9.17
C TRP B 107 -21.14 5.05 9.04
N LYS B 108 -21.80 5.29 7.91
CA LYS B 108 -23.19 4.86 7.80
C LYS B 108 -23.34 3.49 7.19
N HIS B 109 -22.43 3.09 6.32
CA HIS B 109 -22.60 1.81 5.63
C HIS B 109 -21.51 0.76 5.84
N ILE B 110 -20.35 1.15 6.35
CA ILE B 110 -19.27 0.19 6.42
C ILE B 110 -18.93 -0.18 7.84
N ALA B 111 -18.57 0.83 8.63
CA ALA B 111 -18.18 0.62 10.03
C ALA B 111 -19.22 -0.14 10.88
N PRO B 112 -20.53 0.00 10.61
CA PRO B 112 -21.42 -0.81 11.47
C PRO B 112 -21.35 -2.30 11.20
N HIS B 113 -20.86 -2.69 10.03
CA HIS B 113 -20.89 -4.10 9.64
C HIS B 113 -19.53 -4.74 9.56
N PHE B 114 -18.49 -3.93 9.46
CA PHE B 114 -17.17 -4.47 9.21
C PHE B 114 -16.13 -3.91 10.14
N ASP B 115 -15.12 -4.73 10.41
CA ASP B 115 -13.89 -4.30 11.06
C ASP B 115 -12.91 -3.98 9.94
N VAL B 116 -12.79 -2.70 9.60
CA VAL B 116 -12.01 -2.34 8.43
C VAL B 116 -10.56 -2.24 8.82
N LYS B 117 -9.73 -3.13 8.29
CA LYS B 117 -8.34 -3.22 8.68
C LYS B 117 -7.45 -2.35 7.81
N LEU B 118 -7.97 -1.92 6.66
CA LEU B 118 -7.13 -1.27 5.65
C LEU B 118 -7.96 -0.61 4.57
N ALA B 119 -7.48 0.52 4.06
CA ALA B 119 -8.08 1.17 2.91
C ALA B 119 -6.98 1.43 1.90
N ILE B 120 -7.28 1.15 0.65
CA ILE B 120 -6.37 1.32 -0.47
C ILE B 120 -6.92 2.47 -1.34
N ASP B 121 -6.09 3.46 -1.64
CA ASP B 121 -6.58 4.63 -2.35
C ASP B 121 -5.42 5.34 -3.04
N ASP B 122 -5.74 6.35 -3.86
CA ASP B 122 -4.72 7.10 -4.58
C ASP B 122 -4.73 8.61 -4.29
N ARG B 123 -5.86 9.14 -3.83
CA ARG B 123 -5.96 10.59 -3.68
C ARG B 123 -5.59 11.03 -2.27
N THR B 124 -4.65 11.98 -2.20
CA THR B 124 -4.09 12.38 -0.93
C THR B 124 -5.17 12.84 0.05
N GLN B 125 -6.14 13.60 -0.44
CA GLN B 125 -7.19 14.12 0.44
C GLN B 125 -7.93 12.98 1.13
N VAL B 126 -8.12 11.88 0.40
CA VAL B 126 -8.87 10.74 0.94
C VAL B 126 -8.00 9.93 1.88
N VAL B 127 -6.81 9.55 1.40
CA VAL B 127 -5.82 8.90 2.23
C VAL B 127 -5.69 9.59 3.59
N GLU B 128 -5.65 10.91 3.58
CA GLU B 128 -5.55 11.66 4.82
C GLU B 128 -6.81 11.51 5.67
N MET B 129 -7.96 11.45 5.03
CA MET B 129 -9.19 11.26 5.78
C MET B 129 -9.14 9.91 6.50
N TRP B 130 -8.78 8.84 5.80
CA TRP B 130 -8.76 7.52 6.41
C TRP B 130 -7.84 7.48 7.62
N ARG B 131 -6.61 7.97 7.44
CA ARG B 131 -5.63 7.97 8.53
C ARG B 131 -6.13 8.83 9.67
N ARG B 132 -6.77 9.94 9.35
CA ARG B 132 -7.30 10.82 10.39
C ARG B 132 -8.38 10.15 11.24
N ILE B 133 -9.20 9.29 10.63
CA ILE B 133 -10.27 8.67 11.41
C ILE B 133 -9.83 7.32 11.96
N GLY B 134 -8.54 6.99 11.78
CA GLY B 134 -7.94 5.84 12.44
C GLY B 134 -7.98 4.56 11.62
N VAL B 135 -8.08 4.70 10.30
CA VAL B 135 -8.08 3.53 9.42
C VAL B 135 -6.78 3.52 8.65
N GLU B 136 -6.02 2.45 8.78
CA GLU B 136 -4.75 2.37 8.09
C GLU B 136 -5.03 2.52 6.62
N CYS B 137 -4.23 3.32 5.93
CA CYS B 137 -4.41 3.49 4.50
C CYS B 137 -3.10 3.43 3.75
N TRP B 138 -3.07 2.65 2.68
CA TRP B 138 -1.92 2.59 1.78
C TRP B 138 -2.23 3.43 0.55
N GLN B 139 -1.33 4.35 0.21
CA GLN B 139 -1.51 5.17 -0.97
C GLN B 139 -0.73 4.58 -2.14
N VAL B 140 -1.43 4.14 -3.18
CA VAL B 140 -0.78 3.31 -4.19
C VAL B 140 -0.26 4.05 -5.43
N ALA B 141 -0.45 5.37 -5.45
CA ALA B 141 0.11 6.25 -6.47
C ALA B 141 -0.04 7.68 -5.99
N SER B 142 0.55 8.64 -6.68
CA SER B 142 0.48 10.04 -6.21
C SER B 142 -0.92 10.61 -6.41
N GLY B 143 -1.29 11.58 -5.59
CA GLY B 143 -2.62 12.18 -5.70
C GLY B 143 -2.67 13.67 -5.46
#